data_6GPS
#
_entry.id   6GPS
#
_cell.length_a   38.500
_cell.length_b   61.200
_cell.length_c   123.570
_cell.angle_alpha   90.00
_cell.angle_beta   97.66
_cell.angle_gamma   90.00
#
_symmetry.space_group_name_H-M   'P 1 21 1'
#
loop_
_entity.id
_entity.type
_entity.pdbx_description
1 polymer 'C-C chemokine receptor type 2,Rubredoxin,C-C chemokine receptor type 2'
2 non-polymer 'ZINC ION'
3 non-polymer [(3~{S},4~{S})-3-methoxyoxan-4-yl]-[(1~{R},3~{S})-3-propan-2-yl-3-[[3-(trifluoromethyl)-7,8-dihydro-5~{H}-1,6-naphthyridin-6-yl]carbonyl]cyclopentyl]azanium
#
_entity_poly.entity_id   1
_entity_poly.type   'polypeptide(L)'
_entity_poly.pdbx_seq_one_letter_code
;LSTSRSRFIRNTQESGEEVTTFFDYDYGAPCHKFDVKQIGAQLLPPLYSLVFIFGFVGNMLVVLILINYKKLKCLTDIYL
LNLAISDLLFLITLPLWAHSAANEWVFGNAMCKLFTGLYHIGYFGGIFFIILLTIDRYLAIVHAVFALKARTVTFGVVTS
VITWLVAVFASVPNIIFTKCQKEDSVYVCGPYFPRGWNNFHTIMRNILGLVLPLLIMVICYSGILKTLLRMKKYTCTVCG
YIYNPEDGDPDNGVNPGTDFKDIPDDWVCPLCGVGKDQFEEVEEEKKRHRDVRVIFTIMIVYFLFWTPYNIVILLNTFQE
FFGLSNCESTSQLDQATQVTETLGMTHCCINPIIYAFVGEEFRSLFHIALGCRIAPLQKPVCGGPGVRPGKNVKVTTQGL
LDGRGKGKSIGRAPEASLQDKEGAEVLFQ
;
_entity_poly.pdbx_strand_id   A
#
# COMPACT_ATOMS: atom_id res chain seq x y z
N VAL A 36 -3.21 -24.94 18.30
CA VAL A 36 -2.92 -23.54 17.97
C VAL A 36 -1.61 -23.06 18.61
N LYS A 37 -1.39 -23.35 19.91
CA LYS A 37 -0.17 -22.93 20.61
C LYS A 37 1.05 -23.68 20.05
N GLN A 38 0.91 -24.98 19.75
CA GLN A 38 1.99 -25.78 19.16
C GLN A 38 2.23 -25.40 17.69
N ILE A 39 1.15 -25.03 16.94
CA ILE A 39 1.26 -24.59 15.54
C ILE A 39 2.04 -23.26 15.51
N GLY A 40 1.83 -22.41 16.51
CA GLY A 40 2.53 -21.15 16.66
C GLY A 40 4.02 -21.33 16.89
N ALA A 41 4.40 -22.32 17.70
CA ALA A 41 5.81 -22.63 18.00
C ALA A 41 6.54 -23.27 16.79
N GLN A 42 5.81 -23.92 15.88
CA GLN A 42 6.38 -24.59 14.71
C GLN A 42 6.37 -23.73 13.45
N LEU A 43 5.22 -23.14 13.11
CA LEU A 43 5.03 -22.35 11.88
C LEU A 43 5.70 -20.97 11.88
N LEU A 44 5.54 -20.19 12.94
CA LEU A 44 6.01 -18.79 12.95
C LEU A 44 7.54 -18.60 12.98
N PRO A 45 8.34 -19.26 13.85
CA PRO A 45 9.79 -18.98 13.87
C PRO A 45 10.49 -19.08 12.51
N PRO A 46 10.33 -20.16 11.69
CA PRO A 46 10.96 -20.14 10.37
C PRO A 46 10.28 -19.19 9.36
N LEU A 47 8.94 -18.98 9.47
CA LEU A 47 8.19 -18.10 8.57
C LEU A 47 8.60 -16.65 8.77
N TYR A 48 8.58 -16.18 10.03
CA TYR A 48 8.98 -14.80 10.38
C TYR A 48 10.47 -14.54 10.11
N SER A 49 11.33 -15.60 10.14
CA SER A 49 12.75 -15.47 9.83
C SER A 49 12.94 -15.17 8.34
N LEU A 50 12.21 -15.90 7.46
CA LEU A 50 12.25 -15.72 6.01
C LEU A 50 11.68 -14.35 5.61
N VAL A 51 10.59 -13.90 6.27
CA VAL A 51 10.00 -12.57 6.00
C VAL A 51 11.00 -11.47 6.38
N PHE A 52 11.73 -11.63 7.48
CA PHE A 52 12.72 -10.66 7.92
C PHE A 52 13.93 -10.61 6.97
N ILE A 53 14.39 -11.76 6.45
CA ILE A 53 15.52 -11.81 5.52
C ILE A 53 15.12 -11.20 4.16
N PHE A 54 14.00 -11.64 3.58
CA PHE A 54 13.50 -11.09 2.31
C PHE A 54 13.06 -9.63 2.43
N GLY A 55 12.45 -9.29 3.56
CA GLY A 55 11.94 -7.96 3.82
C GLY A 55 13.01 -6.92 4.07
N PHE A 56 14.01 -7.23 4.93
CA PHE A 56 15.08 -6.28 5.24
C PHE A 56 15.96 -5.99 4.02
N VAL A 57 16.34 -7.03 3.24
CA VAL A 57 17.17 -6.80 2.05
C VAL A 57 16.40 -6.05 0.95
N GLY A 58 15.12 -6.37 0.78
CA GLY A 58 14.28 -5.74 -0.23
C GLY A 58 13.97 -4.29 0.08
N ASN A 59 13.42 -4.02 1.28
CA ASN A 59 13.06 -2.67 1.69
C ASN A 59 14.27 -1.75 1.83
N MET A 60 15.46 -2.29 2.15
CA MET A 60 16.67 -1.47 2.23
C MET A 60 17.15 -1.10 0.83
N LEU A 61 16.93 -2.00 -0.16
CA LEU A 61 17.27 -1.73 -1.57
C LEU A 61 16.38 -0.61 -2.11
N VAL A 62 15.10 -0.54 -1.68
CA VAL A 62 14.17 0.52 -2.10
C VAL A 62 14.67 1.87 -1.59
N VAL A 63 15.11 1.91 -0.30
CA VAL A 63 15.66 3.11 0.33
C VAL A 63 16.93 3.57 -0.39
N LEU A 64 17.83 2.63 -0.76
CA LEU A 64 19.07 2.95 -1.50
C LEU A 64 18.78 3.42 -2.92
N ILE A 65 17.79 2.81 -3.61
CA ILE A 65 17.42 3.22 -4.97
C ILE A 65 16.77 4.62 -4.96
N LEU A 66 15.95 4.95 -3.94
CA LEU A 66 15.32 6.26 -3.86
C LEU A 66 16.33 7.35 -3.54
N ILE A 67 17.27 7.07 -2.62
CA ILE A 67 18.30 8.04 -2.23
C ILE A 67 19.40 8.19 -3.30
N ASN A 68 19.88 7.08 -3.90
CA ASN A 68 20.98 7.13 -4.88
C ASN A 68 20.56 7.32 -6.33
N TYR A 69 19.68 6.46 -6.85
CA TYR A 69 19.26 6.54 -8.25
C TYR A 69 18.27 7.69 -8.52
N LYS A 70 17.14 7.75 -7.78
CA LYS A 70 16.11 8.78 -7.96
C LYS A 70 16.49 10.14 -7.33
N LYS A 71 17.33 10.12 -6.27
CA LYS A 71 17.80 11.31 -5.55
C LYS A 71 16.69 12.12 -4.85
N LEU A 72 15.51 11.51 -4.58
CA LEU A 72 14.37 12.15 -3.90
C LEU A 72 13.98 13.51 -4.52
N LYS A 73 14.07 13.63 -5.86
CA LYS A 73 13.74 14.89 -6.54
C LYS A 73 12.23 15.16 -6.59
N CYS A 74 11.41 14.13 -6.87
CA CYS A 74 9.95 14.28 -6.98
C CYS A 74 9.29 14.16 -5.60
N LEU A 75 8.00 14.54 -5.53
CA LEU A 75 7.22 14.49 -4.28
C LEU A 75 6.84 13.07 -3.92
N THR A 76 6.47 12.27 -4.94
CA THR A 76 6.11 10.86 -4.78
C THR A 76 7.27 10.03 -4.17
N ASP A 77 8.54 10.40 -4.47
CA ASP A 77 9.74 9.71 -3.96
C ASP A 77 9.90 9.82 -2.43
N ILE A 78 9.46 10.95 -1.84
CA ILE A 78 9.55 11.17 -0.38
C ILE A 78 8.53 10.27 0.34
N TYR A 79 7.31 10.10 -0.22
CA TYR A 79 6.29 9.23 0.36
C TYR A 79 6.67 7.76 0.15
N LEU A 80 7.33 7.42 -0.98
CA LEU A 80 7.81 6.05 -1.24
C LEU A 80 8.93 5.72 -0.26
N LEU A 81 9.78 6.72 0.10
CA LEU A 81 10.87 6.53 1.07
C LEU A 81 10.28 6.30 2.46
N ASN A 82 9.26 7.10 2.85
CA ASN A 82 8.60 6.94 4.15
C ASN A 82 7.85 5.61 4.25
N LEU A 83 7.30 5.12 3.11
CA LEU A 83 6.60 3.83 3.06
C LEU A 83 7.60 2.67 3.26
N ALA A 84 8.84 2.79 2.72
CA ALA A 84 9.88 1.78 2.93
C ALA A 84 10.36 1.81 4.40
N ILE A 85 10.44 3.03 5.01
CA ILE A 85 10.82 3.21 6.41
C ILE A 85 9.70 2.64 7.31
N SER A 86 8.42 2.78 6.90
CA SER A 86 7.28 2.24 7.63
C SER A 86 7.36 0.71 7.68
N ASP A 87 7.80 0.08 6.57
CA ASP A 87 7.96 -1.37 6.49
C ASP A 87 9.19 -1.82 7.30
N LEU A 88 10.30 -1.06 7.24
CA LEU A 88 11.52 -1.38 7.99
C LEU A 88 11.29 -1.35 9.51
N LEU A 89 10.65 -0.29 10.02
CA LEU A 89 10.30 -0.17 11.45
C LEU A 89 9.42 -1.34 11.89
N PHE A 90 8.52 -1.83 11.01
CA PHE A 90 7.64 -2.94 11.30
C PHE A 90 8.40 -4.28 11.30
N LEU A 91 9.13 -4.58 10.22
CA LEU A 91 9.84 -5.87 10.09
C LEU A 91 11.02 -6.04 11.07
N ILE A 92 11.61 -4.95 11.61
CA ILE A 92 12.70 -5.11 12.60
C ILE A 92 12.18 -5.65 13.96
N THR A 93 10.84 -5.76 14.16
CA THR A 93 10.24 -6.34 15.36
C THR A 93 10.03 -7.86 15.21
N LEU A 94 10.11 -8.42 13.98
CA LEU A 94 9.90 -9.86 13.74
C LEU A 94 10.87 -10.78 14.49
N PRO A 95 12.17 -10.48 14.63
CA PRO A 95 13.06 -11.39 15.38
C PRO A 95 12.58 -11.67 16.82
N LEU A 96 12.03 -10.64 17.51
CA LEU A 96 11.52 -10.82 18.87
C LEU A 96 10.18 -11.57 18.91
N TRP A 97 9.32 -11.40 17.87
CA TRP A 97 8.05 -12.13 17.80
C TRP A 97 8.32 -13.57 17.38
N ALA A 98 9.26 -13.78 16.45
CA ALA A 98 9.67 -15.11 15.97
C ALA A 98 10.22 -15.93 17.13
N HIS A 99 11.07 -15.32 17.97
CA HIS A 99 11.68 -15.96 19.13
C HIS A 99 10.63 -16.28 20.19
N SER A 100 9.76 -15.31 20.52
CA SER A 100 8.71 -15.47 21.52
C SER A 100 7.51 -16.34 21.07
N ALA A 101 7.46 -16.77 19.80
CA ALA A 101 6.41 -17.68 19.30
C ALA A 101 6.62 -19.11 19.83
N ALA A 102 7.89 -19.52 20.09
CA ALA A 102 8.23 -20.87 20.58
C ALA A 102 8.55 -20.93 22.08
N ASN A 103 8.81 -19.79 22.75
CA ASN A 103 9.16 -19.79 24.17
C ASN A 103 8.67 -18.51 24.90
N GLU A 104 8.88 -18.46 26.24
CA GLU A 104 8.45 -17.34 27.10
C GLU A 104 9.09 -16.00 26.72
N TRP A 105 8.43 -14.88 27.09
CA TRP A 105 8.93 -13.53 26.86
C TRP A 105 10.04 -13.26 27.88
N VAL A 106 11.27 -12.96 27.43
CA VAL A 106 12.43 -12.73 28.31
C VAL A 106 13.15 -11.39 28.02
N PHE A 107 12.50 -10.45 27.32
CA PHE A 107 13.10 -9.15 26.99
C PHE A 107 12.75 -8.06 28.02
N GLY A 108 11.71 -8.28 28.82
CA GLY A 108 11.29 -7.35 29.86
C GLY A 108 10.10 -6.50 29.46
N ASN A 109 9.57 -5.73 30.41
CA ASN A 109 8.41 -4.86 30.19
C ASN A 109 8.78 -3.64 29.34
N ALA A 110 10.04 -3.14 29.44
CA ALA A 110 10.51 -1.98 28.67
C ALA A 110 10.60 -2.30 27.17
N MET A 111 11.09 -3.50 26.80
CA MET A 111 11.20 -3.91 25.40
C MET A 111 9.82 -4.29 24.84
N CYS A 112 8.92 -4.82 25.70
CA CYS A 112 7.55 -5.18 25.31
C CYS A 112 6.79 -3.93 24.85
N LYS A 113 6.93 -2.83 25.60
CA LYS A 113 6.29 -1.56 25.24
C LYS A 113 6.93 -0.91 24.01
N LEU A 114 8.27 -0.97 23.90
CA LEU A 114 9.02 -0.39 22.78
C LEU A 114 8.70 -1.09 21.46
N PHE A 115 8.73 -2.43 21.45
CA PHE A 115 8.48 -3.21 20.23
C PHE A 115 6.99 -3.22 19.81
N THR A 116 6.06 -2.86 20.71
CA THR A 116 4.63 -2.72 20.36
C THR A 116 4.47 -1.37 19.64
N GLY A 117 5.25 -0.37 20.04
CA GLY A 117 5.25 0.96 19.42
C GLY A 117 5.76 0.90 17.99
N LEU A 118 6.89 0.19 17.77
CA LEU A 118 7.48 0.02 16.44
C LEU A 118 6.53 -0.74 15.49
N TYR A 119 5.72 -1.67 16.03
CA TYR A 119 4.74 -2.44 15.27
C TYR A 119 3.62 -1.52 14.77
N HIS A 120 2.99 -0.76 15.69
CA HIS A 120 1.88 0.14 15.34
C HIS A 120 2.33 1.40 14.57
N ILE A 121 3.50 1.97 14.88
CA ILE A 121 4.02 3.13 14.14
C ILE A 121 4.33 2.67 12.69
N GLY A 122 4.89 1.47 12.55
CA GLY A 122 5.18 0.87 11.26
C GLY A 122 3.93 0.50 10.49
N TYR A 123 2.89 -0.02 11.19
CA TYR A 123 1.61 -0.39 10.56
C TYR A 123 0.79 0.84 10.17
N PHE A 124 0.45 1.69 11.15
CA PHE A 124 -0.35 2.90 10.88
C PHE A 124 0.40 3.86 9.94
N GLY A 125 1.71 3.98 10.12
CA GLY A 125 2.53 4.83 9.27
C GLY A 125 2.42 4.43 7.81
N GLY A 126 2.66 3.14 7.54
CA GLY A 126 2.60 2.56 6.21
C GLY A 126 1.31 2.81 5.46
N ILE A 127 0.15 2.49 6.07
CA ILE A 127 -1.14 2.71 5.43
C ILE A 127 -1.39 4.20 5.12
N PHE A 128 -0.93 5.13 5.98
CA PHE A 128 -1.11 6.56 5.74
C PHE A 128 -0.29 7.04 4.54
N PHE A 129 0.93 6.51 4.34
CA PHE A 129 1.76 6.90 3.20
C PHE A 129 1.24 6.32 1.88
N ILE A 130 0.46 5.21 1.94
CA ILE A 130 -0.18 4.63 0.75
C ILE A 130 -1.35 5.57 0.35
N ILE A 131 -2.07 6.11 1.35
CA ILE A 131 -3.18 7.06 1.13
C ILE A 131 -2.63 8.37 0.53
N LEU A 132 -1.46 8.85 1.01
CA LEU A 132 -0.85 10.07 0.48
C LEU A 132 -0.37 9.89 -0.95
N LEU A 133 0.10 8.68 -1.30
CA LEU A 133 0.53 8.37 -2.67
C LEU A 133 -0.67 8.30 -3.63
N THR A 134 -1.84 7.84 -3.13
CA THR A 134 -3.09 7.78 -3.90
C THR A 134 -3.63 9.20 -4.10
N ILE A 135 -3.60 10.03 -3.04
CA ILE A 135 -4.04 11.43 -3.11
C ILE A 135 -3.10 12.23 -4.03
N ASP A 136 -1.77 11.96 -3.96
CA ASP A 136 -0.78 12.63 -4.80
C ASP A 136 -1.05 12.36 -6.29
N ARG A 137 -1.41 11.11 -6.64
CA ARG A 137 -1.71 10.74 -8.02
C ARG A 137 -3.06 11.28 -8.48
N TYR A 138 -4.08 11.26 -7.60
CA TYR A 138 -5.42 11.79 -7.91
C TYR A 138 -5.35 13.28 -8.26
N LEU A 139 -4.71 14.08 -7.40
CA LEU A 139 -4.57 15.52 -7.63
C LEU A 139 -3.71 15.85 -8.84
N ALA A 140 -2.67 15.05 -9.13
CA ALA A 140 -1.78 15.29 -10.27
C ALA A 140 -2.37 14.85 -11.61
N ILE A 141 -3.22 13.81 -11.63
CA ILE A 141 -3.83 13.29 -12.86
C ILE A 141 -5.23 13.85 -13.09
N VAL A 142 -6.11 13.79 -12.07
CA VAL A 142 -7.50 14.25 -12.21
C VAL A 142 -7.60 15.78 -12.19
N HIS A 143 -6.94 16.45 -11.24
CA HIS A 143 -6.98 17.91 -11.08
C HIS A 143 -5.76 18.66 -11.65
N ALA A 144 -4.76 17.96 -12.22
CA ALA A 144 -3.58 18.57 -12.84
C ALA A 144 -2.82 19.55 -11.91
N VAL A 145 -2.64 19.16 -10.64
CA VAL A 145 -1.91 19.96 -9.63
C VAL A 145 -0.47 19.44 -9.59
N PHE A 146 0.49 20.34 -9.32
CA PHE A 146 1.91 19.97 -9.25
C PHE A 146 2.63 20.75 -8.15
N ALA A 147 3.65 20.12 -7.55
CA ALA A 147 4.46 20.76 -6.52
C ALA A 147 5.56 21.57 -7.19
N LEU A 148 5.77 22.82 -6.77
CA LEU A 148 6.82 23.68 -7.35
C LEU A 148 8.18 23.09 -6.98
N LYS A 149 9.17 23.15 -7.90
CA LYS A 149 10.51 22.56 -7.68
C LYS A 149 11.16 23.03 -6.38
N ALA A 150 11.04 24.32 -6.04
CA ALA A 150 11.60 24.87 -4.80
C ALA A 150 10.85 24.37 -3.56
N ARG A 151 9.52 24.16 -3.66
CA ARG A 151 8.67 23.70 -2.56
C ARG A 151 8.38 22.17 -2.60
N THR A 152 9.14 21.36 -3.38
CA THR A 152 8.91 19.91 -3.43
C THR A 152 9.42 19.27 -2.15
N VAL A 153 10.70 19.48 -1.83
CA VAL A 153 11.32 18.94 -0.61
C VAL A 153 10.73 19.55 0.68
N THR A 154 10.30 20.83 0.65
CA THR A 154 9.72 21.50 1.82
C THR A 154 8.33 20.96 2.16
N PHE A 155 7.47 20.76 1.14
CA PHE A 155 6.12 20.22 1.33
C PHE A 155 6.17 18.77 1.79
N GLY A 156 6.95 17.94 1.08
CA GLY A 156 7.11 16.52 1.39
C GLY A 156 7.64 16.24 2.77
N VAL A 157 8.55 17.10 3.30
CA VAL A 157 9.12 16.93 4.64
C VAL A 157 8.09 17.30 5.72
N VAL A 158 7.39 18.44 5.57
CA VAL A 158 6.40 18.88 6.56
C VAL A 158 5.21 17.92 6.66
N THR A 159 4.64 17.51 5.52
CA THR A 159 3.51 16.57 5.52
C THR A 159 3.91 15.18 6.05
N SER A 160 5.15 14.72 5.76
CA SER A 160 5.62 13.43 6.27
C SER A 160 5.78 13.44 7.79
N VAL A 161 6.29 14.55 8.37
CA VAL A 161 6.43 14.68 9.83
C VAL A 161 5.04 14.67 10.49
N ILE A 162 4.06 15.36 9.87
CA ILE A 162 2.67 15.40 10.36
C ILE A 162 2.07 13.97 10.33
N THR A 163 2.35 13.20 9.26
CA THR A 163 1.87 11.82 9.11
C THR A 163 2.47 10.90 10.18
N TRP A 164 3.78 11.07 10.47
CA TRP A 164 4.46 10.30 11.52
C TRP A 164 3.91 10.66 12.92
N LEU A 165 3.56 11.95 13.14
CA LEU A 165 2.97 12.37 14.41
C LEU A 165 1.59 11.74 14.60
N VAL A 166 0.76 11.73 13.53
CA VAL A 166 -0.57 11.11 13.55
C VAL A 166 -0.44 9.58 13.75
N ALA A 167 0.61 8.96 13.15
CA ALA A 167 0.87 7.53 13.33
C ALA A 167 1.33 7.23 14.76
N VAL A 168 2.08 8.16 15.40
CA VAL A 168 2.53 8.01 16.78
C VAL A 168 1.34 8.09 17.73
N PHE A 169 0.47 9.11 17.59
CA PHE A 169 -0.73 9.26 18.44
C PHE A 169 -1.70 8.07 18.32
N ALA A 170 -1.74 7.40 17.15
CA ALA A 170 -2.57 6.20 16.93
C ALA A 170 -1.98 4.98 17.66
N SER A 171 -0.66 4.96 17.90
CA SER A 171 0.04 3.90 18.61
C SER A 171 0.10 4.14 20.12
N VAL A 172 -0.08 5.39 20.60
CA VAL A 172 -0.04 5.75 22.03
C VAL A 172 -0.94 4.83 22.88
N PRO A 173 -2.24 4.62 22.56
CA PRO A 173 -3.06 3.72 23.39
C PRO A 173 -2.47 2.31 23.51
N ASN A 174 -1.97 1.76 22.40
CA ASN A 174 -1.37 0.41 22.40
C ASN A 174 -0.10 0.31 23.22
N ILE A 175 0.71 1.38 23.32
CA ILE A 175 1.94 1.37 24.11
C ILE A 175 1.60 1.43 25.62
N ILE A 176 0.52 2.16 25.98
CA ILE A 176 0.09 2.31 27.38
C ILE A 176 -0.42 0.99 27.96
N PHE A 177 -1.39 0.34 27.30
CA PHE A 177 -2.03 -0.88 27.80
C PHE A 177 -1.27 -2.20 27.54
N THR A 178 -0.38 -2.29 26.53
CA THR A 178 0.38 -3.51 26.29
C THR A 178 1.53 -3.60 27.31
N LYS A 179 1.50 -4.65 28.16
CA LYS A 179 2.49 -4.87 29.23
C LYS A 179 2.98 -6.32 29.25
N CYS A 180 4.03 -6.59 30.04
CA CYS A 180 4.62 -7.94 30.21
C CYS A 180 4.14 -8.54 31.53
N GLN A 181 3.16 -9.44 31.47
CA GLN A 181 2.59 -10.11 32.64
C GLN A 181 2.69 -11.62 32.46
N LYS A 182 2.38 -12.37 33.54
CA LYS A 182 2.41 -13.83 33.55
C LYS A 182 0.99 -14.40 33.48
N GLU A 183 0.78 -15.37 32.58
CA GLU A 183 -0.51 -16.04 32.39
C GLU A 183 -0.27 -17.55 32.24
N ASP A 184 -0.80 -18.35 33.20
CA ASP A 184 -0.62 -19.80 33.24
C ASP A 184 0.87 -20.19 33.36
N SER A 185 1.59 -19.50 34.27
CA SER A 185 3.02 -19.71 34.54
C SER A 185 3.94 -19.46 33.32
N VAL A 186 3.51 -18.60 32.37
CA VAL A 186 4.28 -18.28 31.15
C VAL A 186 4.27 -16.76 30.96
N TYR A 187 5.45 -16.13 30.84
CA TYR A 187 5.55 -14.68 30.63
C TYR A 187 5.12 -14.34 29.21
N VAL A 188 4.16 -13.40 29.05
CA VAL A 188 3.65 -13.00 27.74
C VAL A 188 3.56 -11.48 27.62
N CYS A 189 3.92 -10.96 26.44
CA CYS A 189 3.84 -9.54 26.10
C CYS A 189 2.57 -9.42 25.26
N GLY A 190 1.47 -9.01 25.91
CA GLY A 190 0.17 -8.89 25.25
C GLY A 190 -0.67 -7.71 25.69
N PRO A 191 -1.81 -7.49 24.99
CA PRO A 191 -2.67 -6.33 25.32
C PRO A 191 -3.55 -6.55 26.56
N TYR A 192 -3.66 -5.51 27.40
CA TYR A 192 -4.48 -5.52 28.61
C TYR A 192 -5.30 -4.24 28.64
N PHE A 193 -6.24 -4.12 27.70
CA PHE A 193 -7.11 -2.95 27.54
C PHE A 193 -8.42 -3.11 28.29
N PRO A 194 -8.93 -2.09 29.03
CA PRO A 194 -10.27 -2.23 29.62
C PRO A 194 -11.34 -2.22 28.51
N ARG A 195 -12.58 -2.66 28.82
CA ARG A 195 -13.66 -2.74 27.83
C ARG A 195 -13.87 -1.44 27.04
N GLY A 196 -13.61 -0.29 27.66
CA GLY A 196 -13.73 1.02 27.01
C GLY A 196 -12.70 1.25 25.92
N TRP A 197 -11.39 1.14 26.27
CA TRP A 197 -10.32 1.36 25.29
C TRP A 197 -10.16 0.23 24.28
N ASN A 198 -10.60 -1.00 24.61
CA ASN A 198 -10.52 -2.15 23.69
C ASN A 198 -11.53 -1.97 22.54
N ASN A 199 -12.77 -1.55 22.86
CA ASN A 199 -13.82 -1.31 21.86
C ASN A 199 -13.43 -0.11 20.98
N PHE A 200 -12.84 0.94 21.58
CA PHE A 200 -12.37 2.14 20.88
C PHE A 200 -11.15 1.82 20.00
N HIS A 201 -10.28 0.91 20.45
CA HIS A 201 -9.10 0.48 19.68
C HIS A 201 -9.55 -0.21 18.40
N THR A 202 -10.50 -1.16 18.51
CA THR A 202 -11.00 -1.94 17.39
C THR A 202 -11.70 -1.09 16.33
N ILE A 203 -12.60 -0.19 16.74
CA ILE A 203 -13.31 0.67 15.78
C ILE A 203 -12.36 1.66 15.11
N MET A 204 -11.37 2.19 15.84
CA MET A 204 -10.41 3.14 15.28
C MET A 204 -9.46 2.46 14.29
N ARG A 205 -9.03 1.22 14.59
CA ARG A 205 -8.16 0.47 13.67
C ARG A 205 -8.89 0.20 12.35
N ASN A 206 -10.22 -0.06 12.41
CA ASN A 206 -11.04 -0.28 11.21
C ASN A 206 -11.28 1.03 10.46
N ILE A 207 -11.54 2.13 11.17
CA ILE A 207 -11.76 3.43 10.51
C ILE A 207 -10.47 3.86 9.80
N LEU A 208 -9.32 3.83 10.50
CA LEU A 208 -8.03 4.25 9.95
C LEU A 208 -7.39 3.27 8.95
N GLY A 209 -7.56 1.96 9.14
CA GLY A 209 -6.97 0.93 8.29
C GLY A 209 -7.89 0.17 7.34
N LEU A 210 -9.22 0.42 7.35
CA LEU A 210 -10.17 -0.27 6.48
C LEU A 210 -11.22 0.65 5.84
N VAL A 211 -11.82 1.60 6.60
CA VAL A 211 -12.83 2.49 6.03
C VAL A 211 -12.16 3.63 5.28
N LEU A 212 -11.17 4.31 5.90
CA LEU A 212 -10.49 5.46 5.27
C LEU A 212 -9.75 5.10 3.97
N PRO A 213 -8.88 4.05 3.95
CA PRO A 213 -8.20 3.72 2.70
C PRO A 213 -9.14 3.24 1.58
N LEU A 214 -10.20 2.46 1.94
CA LEU A 214 -11.17 1.94 0.97
C LEU A 214 -12.07 3.07 0.45
N LEU A 215 -12.47 4.01 1.32
CA LEU A 215 -13.27 5.17 0.89
C LEU A 215 -12.45 6.06 -0.04
N ILE A 216 -11.13 6.21 0.23
CA ILE A 216 -10.20 6.98 -0.61
C ILE A 216 -9.94 6.22 -1.93
N MET A 217 -9.84 4.87 -1.90
CA MET A 217 -9.58 4.05 -3.09
C MET A 217 -10.70 4.19 -4.13
N VAL A 218 -11.96 4.06 -3.70
CA VAL A 218 -13.11 4.13 -4.60
C VAL A 218 -13.23 5.52 -5.26
N ILE A 219 -13.05 6.61 -4.50
CA ILE A 219 -13.17 7.97 -5.02
C ILE A 219 -11.97 8.38 -5.91
N CYS A 220 -10.74 8.01 -5.51
CA CYS A 220 -9.54 8.39 -6.26
C CYS A 220 -9.34 7.62 -7.55
N TYR A 221 -9.23 6.28 -7.48
CA TYR A 221 -8.94 5.46 -8.66
C TYR A 221 -10.04 5.49 -9.71
N SER A 222 -11.32 5.70 -9.32
CA SER A 222 -12.41 5.82 -10.30
C SER A 222 -12.20 7.12 -11.08
N GLY A 223 -11.96 8.22 -10.35
CA GLY A 223 -11.69 9.53 -10.92
C GLY A 223 -10.46 9.55 -11.82
N ILE A 224 -9.43 8.72 -11.49
CA ILE A 224 -8.22 8.57 -12.30
C ILE A 224 -8.60 7.78 -13.56
N LEU A 225 -9.34 6.67 -13.41
CA LEU A 225 -9.82 5.84 -14.55
C LEU A 225 -10.67 6.66 -15.51
N LYS A 226 -11.53 7.56 -14.99
CA LYS A 226 -12.37 8.42 -15.84
C LYS A 226 -11.50 9.31 -16.74
N THR A 227 -10.53 10.04 -16.15
CA THR A 227 -9.65 10.95 -16.89
C THR A 227 -8.64 10.22 -17.80
N LEU A 228 -8.20 8.99 -17.48
CA LEU A 228 -7.28 8.24 -18.33
C LEU A 228 -8.00 7.78 -19.59
N LEU A 229 -9.23 7.23 -19.44
CA LEU A 229 -10.08 6.77 -20.55
C LEU A 229 -10.35 7.85 -21.60
N ARG A 230 -10.53 9.13 -21.18
CA ARG A 230 -10.82 10.23 -22.11
C ARG A 230 -9.58 10.61 -22.93
N MET A 231 -8.40 10.64 -22.27
CA MET A 231 -7.11 10.98 -22.89
C MET A 231 -6.40 9.76 -23.53
N LYS A 232 -6.88 8.51 -23.30
CA LYS A 232 -6.24 7.29 -23.86
C LYS A 232 -6.19 7.30 -25.38
N LYS A 233 -5.03 6.94 -25.94
CA LYS A 233 -4.78 6.89 -27.37
C LYS A 233 -4.97 5.45 -27.86
N TYR A 234 -5.44 5.28 -29.11
CA TYR A 234 -5.69 3.97 -29.72
C TYR A 234 -4.95 3.86 -31.04
N THR A 235 -4.20 2.75 -31.24
CA THR A 235 -3.42 2.50 -32.46
C THR A 235 -4.08 1.42 -33.31
N CYS A 236 -4.03 1.61 -34.64
CA CYS A 236 -4.59 0.64 -35.60
C CYS A 236 -3.56 -0.48 -35.81
N THR A 237 -4.01 -1.74 -35.82
CA THR A 237 -3.12 -2.89 -36.02
C THR A 237 -2.67 -3.05 -37.49
N VAL A 238 -3.45 -2.50 -38.46
CA VAL A 238 -3.15 -2.60 -39.90
C VAL A 238 -2.18 -1.52 -40.38
N CYS A 239 -2.62 -0.24 -40.41
CA CYS A 239 -1.81 0.88 -40.92
C CYS A 239 -0.95 1.58 -39.87
N GLY A 240 -1.26 1.42 -38.58
CA GLY A 240 -0.52 2.06 -37.50
C GLY A 240 -1.01 3.44 -37.11
N TYR A 241 -2.18 3.87 -37.62
CA TYR A 241 -2.78 5.19 -37.31
C TYR A 241 -3.10 5.34 -35.82
N ILE A 242 -2.38 6.26 -35.14
CA ILE A 242 -2.56 6.54 -33.71
C ILE A 242 -3.63 7.63 -33.55
N TYR A 243 -4.80 7.27 -33.00
CA TYR A 243 -5.90 8.22 -32.77
C TYR A 243 -5.58 9.10 -31.55
N ASN A 244 -5.45 10.42 -31.77
CA ASN A 244 -5.16 11.40 -30.71
C ASN A 244 -6.50 12.01 -30.26
N PRO A 245 -6.95 11.89 -28.99
CA PRO A 245 -8.24 12.49 -28.61
C PRO A 245 -8.24 14.02 -28.61
N GLU A 246 -7.11 14.64 -28.19
CA GLU A 246 -6.94 16.11 -28.18
C GLU A 246 -7.16 16.72 -29.56
N ASP A 247 -6.71 16.04 -30.63
CA ASP A 247 -6.90 16.50 -32.01
C ASP A 247 -8.21 15.96 -32.57
N GLY A 248 -8.44 14.65 -32.39
CA GLY A 248 -9.63 13.96 -32.86
C GLY A 248 -9.53 13.61 -34.33
N ASP A 249 -10.67 13.62 -35.03
CA ASP A 249 -10.73 13.34 -36.47
C ASP A 249 -11.88 14.17 -37.10
N PRO A 250 -11.70 15.51 -37.21
CA PRO A 250 -12.78 16.36 -37.78
C PRO A 250 -13.24 15.97 -39.18
N ASP A 251 -12.36 15.36 -39.99
CA ASP A 251 -12.63 14.92 -41.36
C ASP A 251 -13.90 14.09 -41.53
N ASN A 252 -14.10 13.05 -40.67
CA ASN A 252 -15.26 12.15 -40.74
C ASN A 252 -16.30 12.40 -39.63
N GLY A 253 -16.45 13.65 -39.20
CA GLY A 253 -17.44 14.03 -38.20
C GLY A 253 -17.17 13.57 -36.79
N VAL A 254 -15.95 13.79 -36.29
CA VAL A 254 -15.54 13.46 -34.92
C VAL A 254 -14.89 14.73 -34.36
N ASN A 255 -15.65 15.54 -33.61
CA ASN A 255 -15.15 16.80 -33.06
C ASN A 255 -14.01 16.54 -32.05
N PRO A 256 -13.01 17.44 -31.93
CA PRO A 256 -11.89 17.18 -30.98
C PRO A 256 -12.30 16.96 -29.53
N GLY A 257 -11.46 16.24 -28.80
CA GLY A 257 -11.68 15.93 -27.39
C GLY A 257 -12.70 14.83 -27.13
N THR A 258 -13.08 14.05 -28.16
CA THR A 258 -14.05 12.95 -28.02
C THR A 258 -13.32 11.65 -27.67
N ASP A 259 -13.94 10.83 -26.81
CA ASP A 259 -13.39 9.54 -26.37
C ASP A 259 -13.56 8.49 -27.48
N PHE A 260 -12.67 7.49 -27.54
CA PHE A 260 -12.74 6.43 -28.53
C PHE A 260 -13.96 5.53 -28.32
N LYS A 261 -14.37 5.31 -27.06
CA LYS A 261 -15.55 4.50 -26.74
C LYS A 261 -16.84 5.23 -27.17
N ASP A 262 -16.84 6.58 -27.17
CA ASP A 262 -18.00 7.39 -27.58
C ASP A 262 -18.16 7.53 -29.11
N ILE A 263 -17.13 7.14 -29.92
CA ILE A 263 -17.20 7.19 -31.38
C ILE A 263 -18.19 6.11 -31.89
N PRO A 264 -19.04 6.38 -32.92
CA PRO A 264 -19.99 5.34 -33.37
C PRO A 264 -19.36 4.06 -33.94
N ASP A 265 -20.19 3.01 -34.08
CA ASP A 265 -19.75 1.70 -34.59
C ASP A 265 -19.49 1.73 -36.11
N ASP A 266 -20.28 2.51 -36.88
CA ASP A 266 -20.10 2.63 -38.33
C ASP A 266 -18.84 3.42 -38.75
N TRP A 267 -18.16 4.10 -37.81
CA TRP A 267 -16.93 4.86 -38.09
C TRP A 267 -15.80 3.93 -38.55
N VAL A 268 -14.92 4.45 -39.42
CA VAL A 268 -13.79 3.70 -39.98
C VAL A 268 -12.49 4.51 -39.89
N CYS A 269 -11.34 3.83 -40.03
CA CYS A 269 -10.01 4.44 -39.95
C CYS A 269 -9.81 5.45 -41.10
N PRO A 270 -9.24 6.67 -40.88
CA PRO A 270 -9.04 7.59 -42.01
C PRO A 270 -8.03 7.11 -43.05
N LEU A 271 -6.98 6.38 -42.64
CA LEU A 271 -5.93 5.92 -43.57
C LEU A 271 -6.38 4.76 -44.46
N CYS A 272 -6.74 3.60 -43.86
CA CYS A 272 -7.09 2.40 -44.62
C CYS A 272 -8.60 2.02 -44.62
N GLY A 273 -9.40 2.65 -43.77
CA GLY A 273 -10.84 2.37 -43.73
C GLY A 273 -11.25 1.07 -43.06
N VAL A 274 -10.41 0.53 -42.15
CA VAL A 274 -10.74 -0.71 -41.42
C VAL A 274 -11.80 -0.44 -40.32
N GLY A 275 -12.36 -1.52 -39.79
CA GLY A 275 -13.38 -1.46 -38.76
C GLY A 275 -12.88 -1.02 -37.40
N LYS A 276 -13.81 -0.67 -36.50
CA LYS A 276 -13.50 -0.22 -35.14
C LYS A 276 -12.92 -1.35 -34.26
N ASP A 277 -13.31 -2.62 -34.52
CA ASP A 277 -12.85 -3.77 -33.73
C ASP A 277 -11.34 -4.04 -33.83
N GLN A 278 -10.70 -3.66 -34.94
CA GLN A 278 -9.25 -3.87 -35.13
C GLN A 278 -8.37 -2.92 -34.30
N PHE A 279 -8.91 -1.80 -33.78
CA PHE A 279 -8.13 -0.84 -32.99
C PHE A 279 -7.77 -1.38 -31.60
N GLU A 280 -6.50 -1.22 -31.21
CA GLU A 280 -5.96 -1.66 -29.91
C GLU A 280 -5.55 -0.46 -29.06
N GLU A 281 -5.44 -0.67 -27.73
CA GLU A 281 -5.04 0.38 -26.79
C GLU A 281 -3.55 0.68 -26.88
N VAL A 282 -3.15 1.88 -26.41
CA VAL A 282 -1.75 2.35 -26.40
C VAL A 282 -1.41 2.73 -24.95
N GLU A 283 -0.21 2.34 -24.49
CA GLU A 283 0.24 2.64 -23.13
C GLU A 283 0.67 4.11 -23.07
N GLU A 284 0.45 4.79 -21.92
CA GLU A 284 0.82 6.20 -21.77
C GLU A 284 2.34 6.42 -21.86
N GLU A 285 2.75 7.51 -22.54
CA GLU A 285 4.16 7.88 -22.68
C GLU A 285 4.68 8.44 -21.34
N LYS A 286 3.81 9.11 -20.57
CA LYS A 286 4.18 9.70 -19.28
C LYS A 286 4.35 8.61 -18.21
N LYS A 287 5.49 8.62 -17.48
CA LYS A 287 5.75 7.63 -16.42
C LYS A 287 4.82 7.87 -15.21
N ARG A 288 4.41 9.13 -14.96
CA ARG A 288 3.49 9.46 -13.86
C ARG A 288 2.11 8.80 -14.08
N HIS A 289 1.68 8.69 -15.36
CA HIS A 289 0.42 8.02 -15.69
C HIS A 289 0.57 6.49 -15.63
N ARG A 290 1.74 5.95 -16.03
CA ARG A 290 2.00 4.51 -15.92
C ARG A 290 2.25 4.10 -14.46
N ASP A 291 2.69 5.05 -13.60
CA ASP A 291 2.94 4.81 -12.17
C ASP A 291 1.66 4.50 -11.36
N VAL A 292 0.45 4.76 -11.92
CA VAL A 292 -0.82 4.49 -11.22
C VAL A 292 -0.96 2.99 -10.89
N ARG A 293 -0.50 2.11 -11.81
CA ARG A 293 -0.57 0.65 -11.61
C ARG A 293 0.30 0.19 -10.44
N VAL A 294 1.43 0.87 -10.18
CA VAL A 294 2.34 0.52 -9.08
C VAL A 294 1.66 0.81 -7.75
N ILE A 295 1.18 2.05 -7.55
CA ILE A 295 0.51 2.45 -6.31
C ILE A 295 -0.86 1.75 -6.15
N PHE A 296 -1.58 1.48 -7.26
CA PHE A 296 -2.87 0.78 -7.19
C PHE A 296 -2.66 -0.64 -6.70
N THR A 297 -1.60 -1.33 -7.18
CA THR A 297 -1.30 -2.69 -6.73
C THR A 297 -0.95 -2.68 -5.24
N ILE A 298 -0.09 -1.75 -4.80
CA ILE A 298 0.33 -1.59 -3.39
C ILE A 298 -0.91 -1.49 -2.49
N MET A 299 -1.93 -0.73 -2.93
CA MET A 299 -3.18 -0.55 -2.20
C MET A 299 -3.99 -1.86 -2.20
N ILE A 300 -4.18 -2.49 -3.37
CA ILE A 300 -4.96 -3.73 -3.48
C ILE A 300 -4.31 -4.85 -2.64
N VAL A 301 -2.97 -5.00 -2.70
CA VAL A 301 -2.25 -6.01 -1.93
C VAL A 301 -2.35 -5.74 -0.43
N TYR A 302 -2.37 -4.45 0.01
CA TYR A 302 -2.55 -4.12 1.43
C TYR A 302 -3.87 -4.72 1.94
N PHE A 303 -4.96 -4.52 1.19
CA PHE A 303 -6.29 -5.03 1.56
C PHE A 303 -6.36 -6.54 1.60
N LEU A 304 -5.78 -7.23 0.62
CA LEU A 304 -5.81 -8.70 0.59
C LEU A 304 -5.11 -9.32 1.81
N PHE A 305 -4.09 -8.63 2.37
CA PHE A 305 -3.33 -9.11 3.53
C PHE A 305 -3.85 -8.62 4.89
N TRP A 306 -4.34 -7.36 5.00
CA TRP A 306 -4.80 -6.78 6.29
C TRP A 306 -6.33 -6.74 6.53
N THR A 307 -7.20 -6.84 5.50
CA THR A 307 -8.65 -6.88 5.70
C THR A 307 -9.13 -8.07 6.54
N PRO A 308 -8.69 -9.33 6.27
CA PRO A 308 -9.15 -10.44 7.11
C PRO A 308 -8.87 -10.24 8.61
N TYR A 309 -7.72 -9.64 8.97
CA TYR A 309 -7.40 -9.36 10.38
C TYR A 309 -8.33 -8.31 10.95
N ASN A 310 -8.51 -7.18 10.22
CA ASN A 310 -9.37 -6.08 10.67
C ASN A 310 -10.83 -6.50 10.85
N ILE A 311 -11.33 -7.41 10.00
CA ILE A 311 -12.70 -7.89 10.10
C ILE A 311 -12.88 -8.81 11.30
N VAL A 312 -11.98 -9.81 11.51
CA VAL A 312 -12.13 -10.76 12.62
C VAL A 312 -12.02 -10.06 14.00
N ILE A 313 -11.16 -9.03 14.17
CA ILE A 313 -11.08 -8.31 15.46
C ILE A 313 -12.39 -7.57 15.73
N LEU A 314 -13.07 -7.07 14.67
CA LEU A 314 -14.35 -6.38 14.79
C LEU A 314 -15.43 -7.39 15.19
N LEU A 315 -15.42 -8.59 14.57
CA LEU A 315 -16.37 -9.65 14.90
C LEU A 315 -16.09 -10.23 16.29
N ASN A 316 -14.81 -10.33 16.69
CA ASN A 316 -14.41 -10.86 17.99
C ASN A 316 -14.72 -9.88 19.13
N THR A 317 -14.50 -8.58 18.92
CA THR A 317 -14.75 -7.56 19.96
C THR A 317 -16.26 -7.36 20.11
N PHE A 318 -16.92 -6.98 19.01
CA PHE A 318 -18.36 -6.71 18.99
C PHE A 318 -19.14 -7.97 18.61
N GLN A 319 -19.29 -8.88 19.59
CA GLN A 319 -20.03 -10.13 19.39
C GLN A 319 -21.54 -9.81 19.34
N GLU A 320 -22.01 -9.44 18.14
CA GLU A 320 -23.41 -9.09 17.90
C GLU A 320 -24.25 -10.35 17.96
N PHE A 321 -24.00 -11.32 17.05
CA PHE A 321 -24.69 -12.61 17.00
C PHE A 321 -23.84 -13.73 17.64
N PHE A 322 -22.50 -13.64 17.56
CA PHE A 322 -21.58 -14.66 18.10
C PHE A 322 -21.45 -14.53 19.62
N SER A 329 -17.94 -21.44 19.54
CA SER A 329 -17.90 -20.44 18.48
C SER A 329 -16.96 -19.26 18.81
N THR A 330 -16.82 -18.89 20.10
CA THR A 330 -15.93 -17.81 20.54
C THR A 330 -14.47 -18.23 20.34
N SER A 331 -14.17 -19.54 20.48
CA SER A 331 -12.82 -20.08 20.29
C SER A 331 -12.38 -20.00 18.81
N GLN A 332 -13.33 -20.10 17.86
CA GLN A 332 -13.03 -19.98 16.42
C GLN A 332 -12.52 -18.57 16.11
N LEU A 333 -13.21 -17.54 16.63
CA LEU A 333 -12.81 -16.14 16.43
C LEU A 333 -11.48 -15.81 17.12
N ASP A 334 -11.18 -16.48 18.26
CA ASP A 334 -9.92 -16.27 18.98
C ASP A 334 -8.75 -16.84 18.18
N GLN A 335 -8.91 -18.07 17.62
CA GLN A 335 -7.89 -18.71 16.79
C GLN A 335 -7.75 -17.99 15.45
N ALA A 336 -8.87 -17.53 14.85
CA ALA A 336 -8.86 -16.79 13.58
C ALA A 336 -8.13 -15.45 13.70
N THR A 337 -8.14 -14.81 14.89
CA THR A 337 -7.42 -13.54 15.12
C THR A 337 -5.91 -13.77 15.03
N GLN A 338 -5.45 -14.92 15.56
CA GLN A 338 -4.03 -15.28 15.56
C GLN A 338 -3.53 -15.67 14.16
N VAL A 339 -4.34 -16.42 13.39
CA VAL A 339 -4.00 -16.85 12.02
C VAL A 339 -3.95 -15.66 11.04
N THR A 340 -4.95 -14.76 11.12
CA THR A 340 -5.00 -13.57 10.25
C THR A 340 -3.94 -12.52 10.59
N GLU A 341 -3.42 -12.51 11.84
CA GLU A 341 -2.36 -11.58 12.25
C GLU A 341 -1.05 -11.96 11.54
N THR A 342 -0.80 -13.29 11.39
CA THR A 342 0.38 -13.80 10.70
C THR A 342 0.38 -13.28 9.26
N LEU A 343 -0.76 -13.44 8.54
CA LEU A 343 -0.93 -12.96 7.16
C LEU A 343 -0.52 -11.49 7.05
N GLY A 344 -1.07 -10.66 7.92
CA GLY A 344 -0.75 -9.24 7.96
C GLY A 344 0.71 -8.96 8.21
N MET A 345 1.34 -9.75 9.11
CA MET A 345 2.76 -9.56 9.43
C MET A 345 3.71 -9.96 8.29
N THR A 346 3.26 -10.80 7.32
CA THR A 346 4.07 -11.14 6.15
C THR A 346 4.01 -10.02 5.07
N HIS A 347 2.99 -9.12 5.14
CA HIS A 347 2.79 -8.03 4.18
C HIS A 347 3.99 -7.07 4.03
N CYS A 348 4.79 -6.86 5.09
CA CYS A 348 5.94 -5.95 5.06
C CYS A 348 6.94 -6.26 3.93
N CYS A 349 7.17 -7.55 3.63
CA CYS A 349 8.12 -7.99 2.59
C CYS A 349 7.53 -8.07 1.15
N ILE A 350 6.24 -7.71 0.95
CA ILE A 350 5.60 -7.78 -0.38
C ILE A 350 5.77 -6.46 -1.15
N ASN A 351 5.96 -5.31 -0.46
CA ASN A 351 6.13 -4.00 -1.12
C ASN A 351 7.31 -3.93 -2.12
N PRO A 352 8.52 -4.42 -1.78
CA PRO A 352 9.62 -4.39 -2.77
C PRO A 352 9.41 -5.35 -3.94
N ILE A 353 8.64 -6.45 -3.74
CA ILE A 353 8.34 -7.41 -4.80
C ILE A 353 7.38 -6.77 -5.83
N ILE A 354 6.45 -5.88 -5.38
CA ILE A 354 5.55 -5.17 -6.28
C ILE A 354 6.32 -4.20 -7.18
N TYR A 355 7.28 -3.44 -6.61
CA TYR A 355 8.08 -2.49 -7.40
C TYR A 355 9.00 -3.22 -8.41
N ALA A 356 9.41 -4.46 -8.10
CA ALA A 356 10.28 -5.24 -8.97
C ALA A 356 9.53 -5.75 -10.21
N PHE A 357 8.39 -6.42 -10.00
CA PHE A 357 7.58 -7.00 -11.08
C PHE A 357 6.63 -6.03 -11.77
N VAL A 358 5.80 -5.28 -11.02
CA VAL A 358 4.84 -4.34 -11.61
C VAL A 358 5.52 -3.02 -12.05
N GLY A 359 6.50 -2.56 -11.27
CA GLY A 359 7.22 -1.33 -11.56
C GLY A 359 8.33 -1.48 -12.58
N GLU A 360 8.44 -0.50 -13.50
CA GLU A 360 9.48 -0.44 -14.53
C GLU A 360 10.80 0.19 -14.00
N GLU A 361 10.80 0.71 -12.75
CA GLU A 361 11.98 1.30 -12.11
C GLU A 361 13.13 0.28 -11.86
N PHE A 362 12.81 -1.03 -11.78
CA PHE A 362 13.82 -2.09 -11.57
C PHE A 362 14.45 -2.51 -12.90
N ARG A 363 13.62 -2.73 -13.95
CA ARG A 363 14.11 -3.12 -15.28
C ARG A 363 14.96 -2.02 -15.91
N SER A 364 14.62 -0.74 -15.66
CA SER A 364 15.39 0.41 -16.14
C SER A 364 16.75 0.45 -15.43
N LEU A 365 16.78 0.14 -14.12
CA LEU A 365 18.02 0.12 -13.32
C LEU A 365 18.90 -1.09 -13.71
N PHE A 366 18.27 -2.22 -14.10
CA PHE A 366 18.97 -3.43 -14.52
C PHE A 366 19.68 -3.21 -15.88
N HIS A 367 19.05 -2.48 -16.81
CA HIS A 367 19.62 -2.15 -18.13
C HIS A 367 20.78 -1.16 -17.98
N ILE A 368 20.66 -0.19 -17.04
CA ILE A 368 21.71 0.79 -16.74
C ILE A 368 22.91 0.07 -16.08
N ALA A 369 22.64 -0.97 -15.26
CA ALA A 369 23.69 -1.76 -14.61
C ALA A 369 24.52 -2.60 -15.58
N LEU A 370 24.04 -2.84 -16.82
CA LEU A 370 24.75 -3.60 -17.85
C LEU A 370 25.24 -2.65 -18.96
N GLY A 371 24.29 -2.08 -19.71
CA GLY A 371 24.57 -1.19 -20.83
C GLY A 371 23.48 -1.24 -21.89
#